data_1D4E
#
_entry.id   1D4E
#
_cell.length_a   73.080
_cell.length_b   73.080
_cell.length_c   216.200
_cell.angle_alpha   90.00
_cell.angle_beta   90.00
_cell.angle_gamma   90.00
#
_symmetry.space_group_name_H-M   'P 43 21 2'
#
loop_
_entity.id
_entity.type
_entity.pdbx_description
1 polymer 'FLAVOCYTOCHROME C FUMARATE REDUCTASE'
2 non-polymer 'HEME C'
3 non-polymer 'FLAVIN-ADENINE DINUCLEOTIDE'
4 non-polymer 'FUMARIC ACID'
5 water water
#
_entity_poly.entity_id   1
_entity_poly.type   'polypeptide(L)'
_entity_poly.pdbx_seq_one_letter_code
;AAPEVLADFHGEMGGCDSCHVSDKGGVTNDNLTHENGQCVSCHGDLKELAAAAPKDKVSPHKSHLIGEIACTSCHKGHEK
SVAYCDACHSFGFDMPFGGKWERKFVPVDADKAAQDKAIAAGVKETTDVVIIGSGGAGLAAAVSARDAGAKVILLEKEPI
PGGNTKLAAGGMNAAETKPQAKLGIEDKKQIMIDDTMKGGRNINDPELVKVLANNSSDSIDWLTSMGADMTDVGRMGGAS
VNRSHRPTGGAGVGAHVAQVLWDNAVKRGTDIRLNSRVVRILEDASGKVTGVLVKGEYTGYYVIKADAVVIAAGGFAKNN
ERVSKYDPKLKGFKATNHPGATGDGLDVALQAGAATRDLQYIQAHPTYSPAGGVMITEAVRGNGAIVVNREGNRFMNEIT
TRDKASAAILQQKGESAYLVFDDSIRKSLKAIEGYVHLNIVKEGKTIEELAKQIDVPAAELAKTVTAYNGFVKSGKDAQF
ERPDLPRELVVAPFYALEIAPAVHHTMGGLVIDTKAEVKSEKTAKPITGLYAAGEVTGGVHGANRLGGNAISDIVTYGRI
AGASAAKFAKDN
;
_entity_poly.pdbx_strand_id   A
#
# COMPACT_ATOMS: atom_id res chain seq x y z
N VAL A 5 23.62 20.33 -10.63
CA VAL A 5 23.18 18.90 -10.58
C VAL A 5 24.20 17.79 -10.70
N LEU A 6 24.08 16.80 -9.82
CA LEU A 6 25.01 15.72 -9.77
C LEU A 6 25.75 15.33 -11.03
N ALA A 7 25.28 15.24 -12.26
CA ALA A 7 26.19 14.74 -13.30
C ALA A 7 27.16 15.76 -13.86
N ASP A 8 26.98 17.02 -13.55
CA ASP A 8 27.89 18.10 -13.90
C ASP A 8 28.98 18.05 -12.84
N PHE A 9 28.61 18.04 -11.55
CA PHE A 9 29.58 17.89 -10.48
C PHE A 9 30.51 16.73 -10.78
N HIS A 10 30.08 15.69 -11.44
CA HIS A 10 30.83 14.55 -11.87
C HIS A 10 31.34 14.58 -13.32
N GLY A 11 31.13 15.67 -14.02
CA GLY A 11 31.59 15.79 -15.41
C GLY A 11 32.94 16.49 -15.26
N GLU A 12 32.89 17.34 -14.22
CA GLU A 12 34.04 18.11 -13.75
C GLU A 12 35.13 17.05 -13.60
N MET A 13 34.82 15.93 -12.93
CA MET A 13 35.78 14.85 -12.84
C MET A 13 36.07 14.20 -14.20
N GLY A 14 35.86 12.87 -14.25
CA GLY A 14 36.18 12.03 -15.34
C GLY A 14 35.43 11.83 -16.62
N GLY A 15 34.31 12.48 -16.93
CA GLY A 15 33.62 12.23 -18.18
C GLY A 15 32.20 11.68 -18.09
N CYS A 16 31.74 10.96 -19.12
CA CYS A 16 30.41 10.40 -19.19
C CYS A 16 30.45 8.97 -18.68
N ASP A 17 31.58 8.40 -18.97
CA ASP A 17 32.16 7.17 -18.63
C ASP A 17 32.06 6.80 -17.14
N SER A 18 32.22 7.78 -16.27
CA SER A 18 32.14 7.61 -14.83
C SER A 18 31.00 6.72 -14.41
N CYS A 19 29.81 7.03 -14.90
CA CYS A 19 28.52 6.44 -14.73
C CYS A 19 27.91 5.56 -15.81
N HIS A 20 27.86 6.15 -17.02
CA HIS A 20 27.31 5.43 -18.15
C HIS A 20 28.30 4.36 -18.56
N VAL A 21 27.83 3.48 -19.41
CA VAL A 21 28.65 2.37 -19.89
C VAL A 21 29.43 2.84 -21.11
N SER A 22 29.07 3.89 -21.81
CA SER A 22 29.82 4.38 -22.94
C SER A 22 30.09 5.88 -22.82
N ASP A 23 31.10 6.35 -23.57
CA ASP A 23 31.59 7.70 -23.44
C ASP A 23 30.68 8.72 -24.10
N LYS A 24 29.79 8.22 -24.98
CA LYS A 24 28.80 9.06 -25.65
C LYS A 24 27.68 9.42 -24.64
N GLY A 25 27.48 8.53 -23.66
CA GLY A 25 26.46 8.74 -22.64
C GLY A 25 25.36 7.67 -22.76
N GLY A 26 24.19 8.02 -22.23
CA GLY A 26 23.04 7.16 -22.27
C GLY A 26 22.96 5.97 -21.33
N VAL A 27 21.70 5.55 -21.09
CA VAL A 27 21.43 4.46 -20.14
C VAL A 27 21.18 3.12 -20.81
N THR A 28 21.72 2.03 -20.28
CA THR A 28 21.54 0.75 -20.94
C THR A 28 20.10 0.30 -20.74
N ASN A 29 19.78 0.11 -19.46
CA ASN A 29 18.43 -0.36 -19.15
C ASN A 29 17.78 0.50 -18.06
N ASP A 30 16.49 0.38 -17.84
CA ASP A 30 15.75 1.28 -16.97
C ASP A 30 15.87 1.03 -15.47
N ASN A 31 16.39 -0.13 -15.11
CA ASN A 31 16.71 -0.36 -13.72
C ASN A 31 18.00 0.39 -13.35
N LEU A 32 18.72 0.83 -14.38
CA LEU A 32 19.91 1.64 -14.22
C LEU A 32 21.04 0.99 -13.42
N THR A 33 21.21 -0.32 -13.65
CA THR A 33 22.17 -1.14 -12.92
C THR A 33 23.60 -0.72 -13.02
N HIS A 34 24.12 -0.52 -14.22
CA HIS A 34 25.47 -0.07 -14.46
C HIS A 34 25.79 1.10 -13.52
N GLU A 35 25.06 2.18 -13.79
CA GLU A 35 25.29 3.46 -13.15
C GLU A 35 25.26 3.29 -11.66
N ASN A 36 24.34 2.50 -11.16
CA ASN A 36 24.21 2.39 -9.69
C ASN A 36 25.38 1.56 -9.17
N GLY A 37 25.81 0.66 -10.04
CA GLY A 37 27.04 -0.11 -9.77
C GLY A 37 28.12 0.95 -9.68
N GLN A 38 28.18 1.93 -10.57
CA GLN A 38 29.22 2.91 -10.54
C GLN A 38 29.13 3.70 -9.25
N CYS A 39 27.92 4.16 -8.93
CA CYS A 39 27.79 4.88 -7.68
C CYS A 39 28.55 4.24 -6.52
N VAL A 40 28.21 3.00 -6.25
CA VAL A 40 28.57 2.21 -5.09
C VAL A 40 30.05 1.86 -5.06
N SER A 41 30.56 1.77 -6.29
CA SER A 41 31.96 1.50 -6.53
C SER A 41 32.79 2.64 -5.95
N CYS A 42 32.37 3.89 -6.02
CA CYS A 42 33.13 4.96 -5.42
C CYS A 42 32.55 5.38 -4.09
N HIS A 43 31.26 5.11 -3.86
CA HIS A 43 30.75 5.70 -2.62
C HIS A 43 30.37 4.64 -1.63
N GLY A 44 30.33 3.38 -2.01
CA GLY A 44 29.79 2.43 -1.05
C GLY A 44 28.27 2.28 -1.30
N ASP A 45 27.80 1.24 -0.62
CA ASP A 45 26.39 0.88 -0.75
C ASP A 45 25.60 1.51 0.39
N LEU A 46 24.31 1.24 0.37
CA LEU A 46 23.43 1.75 1.39
C LEU A 46 23.76 1.30 2.79
N LYS A 47 24.07 0.05 3.10
CA LYS A 47 24.40 -0.34 4.47
C LYS A 47 25.64 0.44 4.88
N GLU A 48 26.62 0.51 3.96
CA GLU A 48 27.79 1.30 4.28
C GLU A 48 27.36 2.73 4.57
N LEU A 49 26.67 3.35 3.65
CA LEU A 49 26.22 4.72 3.94
C LEU A 49 25.44 4.80 5.23
N ALA A 50 24.55 3.86 5.52
CA ALA A 50 23.69 3.88 6.69
C ALA A 50 24.43 3.80 8.03
N ALA A 51 25.39 2.89 8.09
CA ALA A 51 26.27 2.74 9.22
C ALA A 51 26.97 4.07 9.52
N ALA A 52 27.38 4.79 8.47
CA ALA A 52 28.10 6.04 8.70
C ALA A 52 27.22 7.07 9.38
N ALA A 53 25.90 7.05 9.30
CA ALA A 53 25.07 8.07 9.91
C ALA A 53 24.93 8.06 11.42
N PRO A 54 24.73 9.25 11.99
CA PRO A 54 24.48 9.45 13.40
C PRO A 54 23.28 8.69 13.96
N VAL A 58 17.52 9.74 11.90
CA VAL A 58 16.73 9.62 10.68
C VAL A 58 17.62 9.83 9.45
N SER A 59 18.00 8.72 8.80
CA SER A 59 18.96 8.89 7.72
C SER A 59 18.31 8.42 6.44
N PRO A 60 18.54 9.21 5.40
CA PRO A 60 17.93 8.86 4.12
C PRO A 60 18.47 7.58 3.53
N HIS A 61 19.50 6.93 4.03
CA HIS A 61 20.18 5.82 3.41
C HIS A 61 19.78 4.60 4.20
N LYS A 62 18.94 4.80 5.21
CA LYS A 62 18.45 3.59 5.90
C LYS A 62 17.03 3.90 6.34
N SER A 63 16.08 3.18 5.76
CA SER A 63 14.66 3.36 5.99
C SER A 63 13.82 2.09 5.87
N HIS A 64 12.50 2.21 6.03
CA HIS A 64 11.56 1.09 5.88
C HIS A 64 11.24 0.67 4.43
N LEU A 65 11.59 1.54 3.46
CA LEU A 65 11.30 1.13 2.08
C LEU A 65 11.77 -0.29 1.86
N ILE A 66 11.17 -1.12 1.02
CA ILE A 66 11.62 -2.48 0.77
C ILE A 66 12.24 -2.66 -0.63
N GLY A 67 13.01 -3.75 -0.77
CA GLY A 67 13.54 -4.07 -2.07
C GLY A 67 14.82 -3.35 -2.45
N GLU A 68 15.27 -3.43 -3.69
CA GLU A 68 16.47 -2.68 -4.07
C GLU A 68 16.09 -1.19 -4.12
N ILE A 69 16.85 -0.33 -3.43
CA ILE A 69 16.58 1.10 -3.56
C ILE A 69 17.78 1.80 -4.17
N ALA A 70 17.59 1.97 -5.49
CA ALA A 70 18.66 2.53 -6.27
C ALA A 70 19.12 3.86 -5.68
N CYS A 71 20.41 4.12 -5.80
CA CYS A 71 20.96 5.42 -5.49
C CYS A 71 20.25 6.49 -6.35
N THR A 72 20.03 6.07 -7.60
CA THR A 72 19.49 6.99 -8.61
C THR A 72 18.03 7.33 -8.44
N SER A 73 17.35 6.61 -7.53
CA SER A 73 15.99 6.98 -7.19
C SER A 73 15.84 8.30 -6.40
N CYS A 74 16.93 8.89 -5.97
CA CYS A 74 17.09 10.16 -5.33
C CYS A 74 18.22 10.94 -5.99
N HIS A 75 19.39 10.31 -6.10
CA HIS A 75 20.50 11.04 -6.70
C HIS A 75 20.32 11.06 -8.19
N LYS A 76 19.63 12.05 -8.71
CA LYS A 76 19.42 12.09 -10.15
C LYS A 76 20.62 12.66 -10.88
N GLY A 77 20.96 12.02 -11.98
CA GLY A 77 22.04 12.49 -12.83
C GLY A 77 21.82 13.92 -13.35
N HIS A 78 21.00 13.99 -14.38
CA HIS A 78 20.77 15.14 -15.22
C HIS A 78 19.66 16.06 -14.79
N GLU A 79 19.28 15.91 -13.53
CA GLU A 79 18.29 16.82 -13.01
C GLU A 79 18.37 16.85 -11.50
N LYS A 80 17.68 17.86 -10.98
CA LYS A 80 17.84 18.12 -9.55
C LYS A 80 17.52 16.81 -8.86
N SER A 81 17.97 16.74 -7.62
CA SER A 81 17.81 15.46 -6.94
C SER A 81 16.88 15.68 -5.79
N VAL A 82 16.13 14.66 -5.36
CA VAL A 82 15.16 14.77 -4.30
C VAL A 82 15.11 13.45 -3.50
N ALA A 83 15.19 13.57 -2.18
CA ALA A 83 14.99 12.31 -1.47
C ALA A 83 13.58 11.85 -1.84
N TYR A 84 13.49 10.57 -2.16
CA TYR A 84 12.20 9.90 -2.35
C TYR A 84 11.40 9.93 -1.06
N CYS A 85 12.00 10.08 0.12
CA CYS A 85 11.27 10.20 1.37
C CYS A 85 10.34 11.40 1.41
N ASP A 86 10.66 12.43 0.64
CA ASP A 86 9.80 13.59 0.60
C ASP A 86 8.48 13.25 -0.06
N ALA A 87 8.23 12.19 -0.83
CA ALA A 87 6.91 11.88 -1.38
C ALA A 87 5.89 11.79 -0.27
N CYS A 88 6.28 11.51 0.97
CA CYS A 88 5.47 11.38 2.15
C CYS A 88 5.92 12.07 3.43
N HIS A 89 7.18 12.41 3.62
CA HIS A 89 7.51 13.07 4.89
C HIS A 89 8.10 14.41 4.48
N SER A 90 8.45 15.17 5.50
CA SER A 90 9.08 16.47 5.20
C SER A 90 10.22 16.63 6.22
N PHE A 91 11.27 15.88 5.85
CA PHE A 91 12.42 15.72 6.69
C PHE A 91 13.42 16.83 6.50
N GLY A 92 13.16 17.67 5.49
CA GLY A 92 14.10 18.77 5.20
C GLY A 92 15.52 18.21 5.27
N PHE A 93 15.85 17.29 4.37
CA PHE A 93 17.18 16.69 4.43
C PHE A 93 18.02 17.68 3.65
N ASP A 94 19.33 17.67 3.63
CA ASP A 94 19.93 18.73 2.80
C ASP A 94 20.53 18.02 1.61
N MET A 95 19.65 17.57 0.71
CA MET A 95 20.09 16.82 -0.46
C MET A 95 20.96 17.55 -1.46
N PRO A 96 22.20 17.13 -1.61
CA PRO A 96 23.15 17.74 -2.52
C PRO A 96 22.42 17.85 -3.83
N PHE A 97 22.50 18.91 -4.59
CA PHE A 97 21.80 19.15 -5.82
C PHE A 97 20.28 19.02 -5.70
N GLY A 98 19.73 19.44 -4.58
CA GLY A 98 18.37 19.51 -4.17
C GLY A 98 17.37 20.04 -5.19
N GLY A 99 16.10 19.78 -4.85
CA GLY A 99 14.96 20.11 -5.68
C GLY A 99 13.72 19.79 -4.85
N LYS A 100 12.57 20.22 -5.32
CA LYS A 100 11.37 19.98 -4.50
C LYS A 100 10.77 18.73 -5.15
N TRP A 101 10.05 18.03 -4.28
CA TRP A 101 9.33 16.87 -4.82
C TRP A 101 8.13 17.40 -5.60
N GLU A 102 7.97 16.98 -6.85
CA GLU A 102 6.83 17.36 -7.66
C GLU A 102 6.42 16.21 -8.59
N ARG A 103 5.12 15.88 -8.61
CA ARG A 103 4.68 14.85 -9.55
C ARG A 103 3.46 15.32 -10.34
N LYS A 104 3.54 15.46 -11.66
CA LYS A 104 2.37 15.87 -12.43
C LYS A 104 1.78 14.65 -13.13
N PHE A 105 0.56 14.25 -12.79
CA PHE A 105 0.00 13.06 -13.45
C PHE A 105 -0.20 13.20 -14.95
N VAL A 106 0.40 12.25 -15.70
CA VAL A 106 0.30 12.38 -17.16
C VAL A 106 -0.44 11.16 -17.71
N PRO A 107 -1.40 11.49 -18.56
CA PRO A 107 -2.32 10.54 -19.15
C PRO A 107 -1.59 9.43 -19.87
N VAL A 108 -2.18 8.27 -19.61
CA VAL A 108 -1.75 6.95 -20.02
C VAL A 108 -1.88 6.71 -21.52
N ASP A 109 -2.71 7.51 -22.16
CA ASP A 109 -3.06 7.58 -23.55
C ASP A 109 -2.46 8.73 -24.35
N ALA A 110 -1.94 9.77 -23.70
CA ALA A 110 -1.31 10.91 -24.37
C ALA A 110 -0.07 10.47 -25.14
N ASP A 111 0.32 11.13 -26.22
CA ASP A 111 1.52 10.65 -26.97
C ASP A 111 1.18 9.33 -27.67
N LYS A 112 -0.02 9.34 -28.28
CA LYS A 112 -0.60 8.19 -28.95
C LYS A 112 0.16 7.95 -30.24
N ALA A 113 0.37 9.04 -30.98
CA ALA A 113 1.14 8.91 -32.23
C ALA A 113 2.40 8.12 -31.93
N ALA A 114 3.23 8.66 -31.03
CA ALA A 114 4.44 8.08 -30.49
C ALA A 114 4.29 6.60 -30.13
N GLN A 115 3.22 6.28 -29.43
CA GLN A 115 2.93 4.90 -29.06
C GLN A 115 2.63 4.04 -30.27
N ASP A 116 1.95 4.63 -31.25
CA ASP A 116 1.64 3.91 -32.47
C ASP A 116 2.91 3.73 -33.29
N LYS A 117 3.55 4.90 -33.55
CA LYS A 117 4.83 4.85 -34.24
C LYS A 117 5.62 3.75 -33.57
N ALA A 118 5.88 3.73 -32.26
CA ALA A 118 6.65 2.67 -31.64
C ALA A 118 6.07 1.28 -31.55
N ILE A 119 4.80 1.00 -31.73
CA ILE A 119 4.32 -0.40 -31.63
C ILE A 119 4.79 -1.20 -32.86
N ALA A 120 4.73 -0.55 -34.03
CA ALA A 120 5.10 -1.29 -35.24
C ALA A 120 6.60 -1.48 -35.41
N ALA A 121 7.38 -0.63 -34.76
CA ALA A 121 8.81 -0.49 -34.89
C ALA A 121 9.75 -1.52 -34.28
N GLY A 122 9.53 -2.78 -34.62
CA GLY A 122 10.25 -3.94 -34.18
C GLY A 122 9.37 -4.76 -33.23
N VAL A 123 9.97 -5.75 -32.61
CA VAL A 123 9.46 -6.61 -31.56
C VAL A 123 10.77 -7.12 -30.88
N LYS A 124 10.93 -6.49 -29.74
CA LYS A 124 12.05 -6.49 -28.84
C LYS A 124 12.22 -7.72 -27.98
N GLU A 125 11.31 -8.00 -27.06
CA GLU A 125 11.51 -9.25 -26.30
C GLU A 125 10.15 -9.94 -26.18
N THR A 126 10.28 -11.21 -25.82
CA THR A 126 9.09 -12.01 -25.64
C THR A 126 9.33 -12.88 -24.40
N THR A 127 8.29 -12.98 -23.61
CA THR A 127 8.32 -13.78 -22.41
C THR A 127 7.00 -14.54 -22.34
N ASP A 128 6.80 -15.37 -21.35
CA ASP A 128 5.52 -16.04 -21.21
C ASP A 128 4.48 -15.10 -20.64
N VAL A 129 4.54 -14.79 -19.37
CA VAL A 129 3.68 -14.00 -18.53
C VAL A 129 4.18 -12.64 -18.06
N VAL A 130 3.55 -11.54 -18.43
CA VAL A 130 3.85 -10.18 -17.98
C VAL A 130 3.00 -9.79 -16.79
N ILE A 131 3.58 -9.20 -15.75
CA ILE A 131 2.84 -8.78 -14.56
C ILE A 131 2.99 -7.28 -14.38
N ILE A 132 1.90 -6.54 -14.28
CA ILE A 132 1.90 -5.09 -14.14
C ILE A 132 1.94 -4.74 -12.64
N GLY A 133 3.03 -4.10 -12.15
CA GLY A 133 3.17 -3.61 -10.82
C GLY A 133 3.86 -4.46 -9.80
N SER A 134 4.62 -3.83 -8.87
CA SER A 134 5.36 -4.66 -7.91
C SER A 134 4.87 -4.63 -6.49
N GLY A 135 3.59 -4.48 -6.24
CA GLY A 135 3.17 -4.48 -4.83
C GLY A 135 3.07 -5.93 -4.36
N GLY A 136 2.38 -6.19 -3.25
CA GLY A 136 2.13 -7.55 -2.87
C GLY A 136 1.39 -8.36 -3.93
N ALA A 137 0.39 -7.92 -4.70
CA ALA A 137 -0.28 -8.85 -5.61
C ALA A 137 0.59 -9.26 -6.79
N GLY A 138 1.26 -8.31 -7.40
CA GLY A 138 2.20 -8.57 -8.49
C GLY A 138 3.36 -9.43 -7.99
N LEU A 139 3.95 -9.19 -6.83
CA LEU A 139 5.03 -10.07 -6.43
C LEU A 139 4.48 -11.45 -6.17
N ALA A 140 3.39 -11.57 -5.46
CA ALA A 140 2.87 -12.92 -5.18
C ALA A 140 2.66 -13.66 -6.49
N ALA A 141 2.15 -12.96 -7.51
CA ALA A 141 1.88 -13.53 -8.83
C ALA A 141 3.19 -13.97 -9.45
N ALA A 142 4.19 -13.11 -9.35
CA ALA A 142 5.55 -13.40 -9.78
C ALA A 142 5.86 -14.78 -9.18
N VAL A 143 5.93 -14.90 -7.84
CA VAL A 143 6.32 -16.16 -7.26
C VAL A 143 5.53 -17.25 -7.98
N SER A 144 4.22 -17.28 -7.79
CA SER A 144 3.37 -18.24 -8.44
C SER A 144 3.49 -18.46 -9.92
N ALA A 145 3.58 -17.47 -10.78
CA ALA A 145 3.73 -17.83 -12.20
C ALA A 145 5.03 -18.62 -12.37
N ARG A 146 6.09 -18.02 -11.86
CA ARG A 146 7.46 -18.46 -11.90
C ARG A 146 7.61 -19.84 -11.27
N ASP A 147 6.92 -20.00 -10.14
CA ASP A 147 6.96 -21.17 -9.32
C ASP A 147 6.32 -22.42 -9.89
N ALA A 148 6.80 -22.83 -11.05
CA ALA A 148 6.29 -24.05 -11.66
C ALA A 148 5.26 -23.34 -12.56
N GLY A 149 5.85 -23.24 -13.75
CA GLY A 149 5.33 -22.55 -14.88
C GLY A 149 6.36 -21.72 -15.64
N ALA A 150 6.01 -20.45 -15.83
CA ALA A 150 6.62 -19.58 -16.80
C ALA A 150 7.73 -18.61 -16.50
N LYS A 151 8.00 -17.99 -17.66
CA LYS A 151 9.00 -16.89 -17.67
C LYS A 151 8.12 -15.68 -17.31
N VAL A 152 8.65 -14.77 -16.49
CA VAL A 152 7.94 -13.61 -16.02
C VAL A 152 8.78 -12.35 -16.20
N ILE A 153 8.23 -11.22 -16.45
CA ILE A 153 8.82 -9.93 -16.65
C ILE A 153 7.77 -8.97 -16.02
N LEU A 154 8.04 -8.55 -14.82
CA LEU A 154 7.21 -7.62 -14.07
C LEU A 154 7.64 -6.19 -14.26
N LEU A 155 6.79 -5.22 -14.56
CA LEU A 155 7.17 -3.85 -14.69
C LEU A 155 6.64 -3.01 -13.55
N GLU A 156 7.37 -2.01 -13.13
CA GLU A 156 6.93 -1.12 -12.07
C GLU A 156 7.22 0.29 -12.52
N LYS A 157 6.37 1.26 -12.25
CA LYS A 157 6.71 2.52 -12.91
C LYS A 157 7.59 3.39 -12.05
N GLU A 158 7.35 3.21 -10.76
CA GLU A 158 8.10 3.91 -9.71
C GLU A 158 9.58 3.52 -9.76
N PRO A 159 10.43 4.28 -9.11
CA PRO A 159 11.86 4.01 -9.16
C PRO A 159 12.20 3.02 -8.08
N ILE A 160 11.29 2.79 -7.15
CA ILE A 160 11.49 1.81 -6.10
C ILE A 160 10.24 0.96 -5.94
N PRO A 161 10.31 -0.28 -5.53
CA PRO A 161 9.23 -1.21 -5.46
C PRO A 161 8.27 -1.20 -4.28
N GLY A 162 7.35 -2.16 -4.36
CA GLY A 162 6.35 -2.48 -3.42
C GLY A 162 5.08 -1.74 -3.14
N GLY A 163 4.72 -0.84 -4.04
CA GLY A 163 3.52 -0.04 -3.98
C GLY A 163 3.07 0.36 -2.60
N ASN A 164 1.74 0.35 -2.42
CA ASN A 164 1.17 0.71 -1.12
C ASN A 164 1.36 -0.48 -0.18
N THR A 165 1.53 -1.70 -0.69
CA THR A 165 1.69 -2.89 0.10
C THR A 165 2.65 -2.67 1.25
N LYS A 166 3.82 -2.15 0.96
CA LYS A 166 4.94 -1.86 1.80
C LYS A 166 4.67 -0.85 2.89
N LEU A 167 3.62 -0.07 2.82
CA LEU A 167 3.30 0.89 3.85
C LEU A 167 2.38 0.18 4.85
N ALA A 168 1.87 -1.00 4.48
CA ALA A 168 0.86 -1.60 5.32
C ALA A 168 1.20 -1.49 6.80
N ALA A 169 0.21 -1.29 7.66
CA ALA A 169 0.53 -1.20 9.08
C ALA A 169 -0.03 -2.37 9.87
N GLY A 170 -1.33 -2.38 10.05
CA GLY A 170 -1.97 -3.29 10.93
C GLY A 170 -2.34 -4.70 10.72
N GLY A 171 -1.93 -5.54 9.79
CA GLY A 171 -2.37 -6.91 9.73
C GLY A 171 -3.00 -7.47 8.47
N MET A 172 -2.83 -8.79 8.29
CA MET A 172 -3.37 -9.46 7.13
C MET A 172 -4.45 -10.40 7.65
N ASN A 173 -5.71 -10.24 7.30
CA ASN A 173 -6.72 -11.14 7.81
C ASN A 173 -6.57 -12.56 7.29
N ALA A 174 -6.78 -13.44 8.26
CA ALA A 174 -6.89 -14.82 7.85
C ALA A 174 -7.70 -15.53 8.96
N ALA A 175 -8.30 -16.54 8.34
CA ALA A 175 -9.20 -17.32 9.15
C ALA A 175 -8.93 -18.82 9.06
N GLU A 176 -9.06 -19.14 10.37
CA GLU A 176 -8.96 -20.46 10.94
C GLU A 176 -7.52 -20.57 11.44
N THR A 177 -6.88 -21.56 10.92
CA THR A 177 -5.80 -22.44 10.89
C THR A 177 -4.41 -21.84 10.71
N LYS A 178 -4.44 -20.51 10.50
CA LYS A 178 -3.21 -19.74 10.62
C LYS A 178 -2.79 -20.05 12.05
N PRO A 179 -1.55 -19.75 12.45
CA PRO A 179 -1.03 -19.74 13.79
C PRO A 179 -1.96 -19.56 14.96
N GLN A 180 -3.11 -18.96 14.72
CA GLN A 180 -4.34 -18.75 15.41
C GLN A 180 -4.33 -19.84 16.49
N ALA A 181 -4.35 -21.10 16.00
CA ALA A 181 -4.13 -22.22 16.93
C ALA A 181 -3.28 -21.79 18.12
N LYS A 182 -1.96 -21.70 17.89
CA LYS A 182 -1.04 -21.27 18.92
C LYS A 182 -1.36 -20.03 19.71
N LEU A 183 -2.42 -19.22 19.67
CA LEU A 183 -2.50 -18.06 20.61
C LEU A 183 -3.74 -18.22 21.50
N GLY A 184 -4.53 -19.23 21.09
CA GLY A 184 -5.81 -19.53 21.71
C GLY A 184 -6.90 -18.57 21.18
N ILE A 185 -6.78 -18.24 19.90
CA ILE A 185 -7.77 -17.43 19.24
C ILE A 185 -8.64 -18.46 18.46
N GLU A 186 -9.90 -18.51 18.91
CA GLU A 186 -10.92 -19.40 18.37
C GLU A 186 -11.71 -18.64 17.31
N ASP A 187 -11.63 -19.16 16.08
CA ASP A 187 -12.20 -18.47 14.92
C ASP A 187 -12.57 -19.46 13.83
N LYS A 188 -13.46 -19.10 12.91
CA LYS A 188 -13.84 -19.99 11.82
C LYS A 188 -14.18 -19.31 10.50
N LYS A 189 -13.90 -20.04 9.40
CA LYS A 189 -14.08 -19.53 8.05
C LYS A 189 -15.33 -18.73 7.75
N GLN A 190 -16.51 -19.26 8.04
CA GLN A 190 -17.77 -18.54 7.76
C GLN A 190 -17.80 -17.22 8.50
N ILE A 191 -17.18 -17.12 9.66
CA ILE A 191 -17.11 -15.83 10.35
C ILE A 191 -16.32 -14.85 9.52
N MET A 192 -15.42 -15.33 8.66
CA MET A 192 -14.61 -14.48 7.76
C MET A 192 -15.63 -13.86 6.81
N ILE A 193 -16.13 -14.79 5.97
CA ILE A 193 -17.15 -14.41 5.01
C ILE A 193 -18.15 -13.43 5.59
N ASP A 194 -18.89 -13.94 6.56
CA ASP A 194 -19.90 -13.19 7.24
C ASP A 194 -19.49 -11.82 7.75
N ASP A 195 -18.27 -11.51 8.12
CA ASP A 195 -18.05 -10.12 8.57
C ASP A 195 -17.79 -9.23 7.35
N THR A 196 -17.18 -9.95 6.40
CA THR A 196 -16.76 -9.38 5.12
C THR A 196 -17.95 -8.95 4.29
N MET A 197 -19.07 -9.64 4.47
CA MET A 197 -20.30 -9.27 3.76
C MET A 197 -20.94 -8.11 4.53
N LYS A 198 -21.00 -8.32 5.83
CA LYS A 198 -21.52 -7.26 6.68
C LYS A 198 -20.76 -5.98 6.48
N GLY A 199 -19.42 -5.97 6.48
CA GLY A 199 -18.67 -4.72 6.36
C GLY A 199 -18.80 -4.15 4.96
N GLY A 200 -18.97 -5.01 3.96
CA GLY A 200 -19.11 -4.62 2.59
C GLY A 200 -20.50 -4.23 2.12
N ARG A 201 -21.37 -4.22 3.12
CA ARG A 201 -22.76 -3.87 3.08
C ARG A 201 -23.50 -4.85 2.18
N ASN A 202 -23.07 -6.10 2.14
CA ASN A 202 -23.65 -7.16 1.37
C ASN A 202 -23.63 -7.06 -0.14
N ILE A 203 -22.92 -6.18 -0.81
CA ILE A 203 -22.92 -6.27 -2.27
C ILE A 203 -21.76 -7.14 -2.72
N ASN A 204 -20.89 -7.56 -1.83
CA ASN A 204 -19.67 -8.23 -2.21
C ASN A 204 -19.97 -9.40 -3.15
N ASP A 205 -19.15 -9.58 -4.18
CA ASP A 205 -19.36 -10.78 -5.00
C ASP A 205 -19.14 -11.91 -4.01
N PRO A 206 -20.13 -12.76 -3.88
CA PRO A 206 -20.11 -13.86 -2.94
C PRO A 206 -19.04 -14.89 -3.21
N GLU A 207 -18.81 -15.26 -4.46
CA GLU A 207 -17.79 -16.23 -4.81
C GLU A 207 -16.39 -15.67 -4.50
N LEU A 208 -16.21 -14.34 -4.70
CA LEU A 208 -14.89 -13.80 -4.39
C LEU A 208 -14.67 -13.85 -2.89
N VAL A 209 -15.52 -13.30 -2.04
CA VAL A 209 -15.35 -13.32 -0.59
C VAL A 209 -15.16 -14.73 -0.06
N LYS A 210 -15.42 -15.77 -0.82
CA LYS A 210 -15.41 -17.16 -0.52
C LYS A 210 -13.99 -17.70 -0.54
N VAL A 211 -13.41 -17.56 -1.72
CA VAL A 211 -11.97 -17.87 -1.81
C VAL A 211 -11.19 -16.90 -0.97
N LEU A 212 -11.53 -15.62 -0.85
CA LEU A 212 -10.98 -14.70 0.13
C LEU A 212 -11.13 -15.21 1.56
N ALA A 213 -11.84 -16.28 1.82
CA ALA A 213 -12.05 -16.81 3.17
C ALA A 213 -11.29 -18.14 3.23
N ASN A 214 -11.71 -18.97 2.29
CA ASN A 214 -11.15 -20.30 2.13
C ASN A 214 -9.71 -20.43 1.67
N ASN A 215 -8.98 -19.39 1.27
CA ASN A 215 -7.55 -19.63 0.97
C ASN A 215 -6.80 -18.92 2.12
N SER A 216 -7.44 -18.15 2.97
CA SER A 216 -6.81 -17.37 4.03
C SER A 216 -5.62 -18.14 4.57
N SER A 217 -5.85 -19.07 5.51
CA SER A 217 -4.76 -19.84 6.09
C SER A 217 -3.67 -20.17 5.08
N ASP A 218 -3.95 -20.82 3.95
CA ASP A 218 -2.85 -21.12 3.02
C ASP A 218 -2.06 -19.89 2.65
N SER A 219 -2.66 -18.82 2.14
CA SER A 219 -1.77 -17.67 1.90
C SER A 219 -0.96 -17.44 3.17
N ILE A 220 -1.50 -17.33 4.38
CA ILE A 220 -0.70 -17.17 5.59
C ILE A 220 0.26 -18.27 5.95
N ASP A 221 0.26 -19.40 5.25
CA ASP A 221 1.18 -20.51 5.37
C ASP A 221 2.20 -20.36 4.25
N TRP A 222 1.75 -19.91 3.08
CA TRP A 222 2.63 -19.68 1.93
C TRP A 222 3.70 -18.66 2.31
N LEU A 223 3.21 -17.55 2.85
CA LEU A 223 4.07 -16.49 3.33
C LEU A 223 5.11 -17.14 4.22
N THR A 224 4.62 -18.00 5.10
CA THR A 224 5.40 -18.78 6.06
C THR A 224 6.39 -19.74 5.43
N SER A 225 6.07 -20.37 4.31
CA SER A 225 7.03 -21.18 3.56
C SER A 225 8.14 -20.31 2.97
N MET A 226 7.99 -18.98 2.95
CA MET A 226 8.87 -18.06 2.30
C MET A 226 9.69 -17.21 3.25
N GLY A 227 9.33 -17.15 4.53
CA GLY A 227 10.23 -16.44 5.45
C GLY A 227 9.50 -15.48 6.36
N ALA A 228 8.19 -15.47 6.13
CA ALA A 228 7.37 -14.50 6.81
C ALA A 228 7.11 -14.66 8.29
N ASP A 229 6.74 -13.58 8.92
CA ASP A 229 6.47 -13.53 10.33
C ASP A 229 5.13 -12.84 10.64
N MET A 230 4.21 -13.78 10.57
CA MET A 230 2.80 -13.58 10.78
C MET A 230 2.37 -14.16 12.11
N THR A 231 2.71 -13.61 13.28
CA THR A 231 2.31 -14.31 14.52
C THR A 231 1.61 -13.38 15.50
N ASP A 232 1.98 -12.11 15.69
CA ASP A 232 1.21 -11.23 16.57
C ASP A 232 -0.16 -10.86 16.02
N VAL A 233 -1.27 -11.32 16.62
CA VAL A 233 -2.63 -11.05 16.19
C VAL A 233 -3.43 -10.01 16.97
N GLY A 234 -4.20 -9.19 16.26
CA GLY A 234 -5.07 -8.18 16.85
C GLY A 234 -6.45 -8.08 16.18
N ARG A 235 -7.15 -7.05 16.63
CA ARG A 235 -8.47 -6.60 16.31
C ARG A 235 -8.49 -5.36 15.42
N MET A 236 -9.11 -5.55 14.26
CA MET A 236 -9.27 -4.43 13.31
C MET A 236 -10.73 -4.00 13.42
N GLY A 237 -11.04 -2.73 13.12
CA GLY A 237 -12.47 -2.35 13.13
C GLY A 237 -13.21 -3.32 12.19
N GLY A 238 -14.45 -3.66 12.51
CA GLY A 238 -15.28 -4.52 11.73
C GLY A 238 -15.28 -6.01 11.86
N ALA A 239 -14.41 -6.75 12.54
CA ALA A 239 -14.50 -8.21 12.60
C ALA A 239 -14.88 -8.68 14.00
N SER A 240 -14.95 -10.00 14.18
CA SER A 240 -15.29 -10.52 15.52
C SER A 240 -14.04 -11.17 16.14
N VAL A 241 -13.98 -12.49 16.03
CA VAL A 241 -12.81 -13.26 16.45
C VAL A 241 -11.54 -12.49 16.09
N ASN A 242 -10.52 -12.39 16.92
CA ASN A 242 -9.32 -11.65 16.51
C ASN A 242 -8.56 -12.25 15.33
N ARG A 243 -8.25 -11.50 14.24
CA ARG A 243 -7.53 -12.15 13.14
C ARG A 243 -6.60 -11.37 12.24
N SER A 244 -6.16 -10.16 12.58
CA SER A 244 -5.24 -9.40 11.73
C SER A 244 -3.81 -9.82 12.03
N HIS A 245 -3.23 -10.65 11.16
CA HIS A 245 -1.88 -11.14 11.33
C HIS A 245 -0.81 -10.10 11.04
N ARG A 246 0.25 -10.11 11.83
CA ARG A 246 1.35 -9.17 11.63
C ARG A 246 2.62 -9.76 12.23
N PRO A 247 3.70 -9.03 12.17
CA PRO A 247 4.97 -9.48 12.76
C PRO A 247 4.94 -9.24 14.26
N THR A 248 5.88 -9.89 14.95
CA THR A 248 5.88 -9.87 16.40
C THR A 248 5.93 -8.56 17.17
N GLY A 249 4.97 -8.48 18.09
CA GLY A 249 4.72 -7.37 18.97
C GLY A 249 4.04 -6.12 18.46
N GLY A 250 3.48 -6.07 17.24
CA GLY A 250 2.83 -4.86 16.75
C GLY A 250 3.63 -4.08 15.71
N ALA A 251 4.58 -4.74 15.04
CA ALA A 251 5.30 -4.11 13.94
C ALA A 251 4.35 -4.13 12.74
N GLY A 252 4.84 -3.88 11.53
CA GLY A 252 4.06 -3.87 10.32
C GLY A 252 4.38 -4.93 9.30
N VAL A 253 3.33 -5.51 8.74
CA VAL A 253 3.20 -6.57 7.79
C VAL A 253 3.41 -6.21 6.32
N GLY A 254 3.23 -4.92 6.00
CA GLY A 254 3.35 -4.52 4.61
C GLY A 254 4.79 -4.63 4.13
N ALA A 255 5.59 -3.87 4.86
CA ALA A 255 7.03 -3.88 4.54
C ALA A 255 7.48 -5.34 4.55
N HIS A 256 7.22 -5.94 5.71
CA HIS A 256 7.51 -7.34 5.99
C HIS A 256 7.03 -8.27 4.91
N VAL A 257 5.77 -8.16 4.51
CA VAL A 257 5.33 -9.02 3.40
C VAL A 257 6.04 -8.56 2.13
N ALA A 258 5.95 -7.27 1.79
CA ALA A 258 6.56 -6.89 0.50
C ALA A 258 7.97 -7.46 0.35
N GLN A 259 8.77 -7.24 1.40
CA GLN A 259 10.15 -7.68 1.36
C GLN A 259 10.25 -9.19 1.05
N VAL A 260 9.52 -9.97 1.90
CA VAL A 260 9.59 -11.41 1.70
C VAL A 260 9.13 -11.76 0.31
N LEU A 261 8.15 -11.14 -0.34
CA LEU A 261 7.82 -11.58 -1.69
C LEU A 261 8.74 -10.92 -2.72
N TRP A 262 9.33 -9.77 -2.38
CA TRP A 262 10.35 -9.23 -3.30
C TRP A 262 11.47 -10.29 -3.41
N ASP A 263 11.99 -10.72 -2.24
CA ASP A 263 13.10 -11.67 -2.21
C ASP A 263 12.86 -12.94 -3.02
N ASN A 264 11.78 -13.64 -2.68
CA ASN A 264 11.31 -14.83 -3.40
C ASN A 264 11.03 -14.57 -4.88
N ALA A 265 10.50 -13.36 -5.18
CA ALA A 265 10.26 -13.21 -6.64
C ALA A 265 11.60 -13.09 -7.34
N VAL A 266 12.49 -12.28 -6.76
CA VAL A 266 13.86 -12.15 -7.26
C VAL A 266 14.64 -13.47 -7.28
N LYS A 267 14.52 -14.26 -6.24
CA LYS A 267 15.13 -15.53 -6.03
C LYS A 267 14.81 -16.51 -7.17
N ARG A 268 13.52 -16.60 -7.55
CA ARG A 268 13.10 -17.43 -8.67
C ARG A 268 13.54 -16.68 -9.90
N GLY A 269 13.10 -16.85 -11.12
CA GLY A 269 13.78 -16.02 -12.15
C GLY A 269 13.09 -14.74 -12.52
N THR A 270 12.22 -14.10 -11.72
CA THR A 270 11.56 -12.92 -12.26
C THR A 270 12.48 -11.84 -12.79
N ASP A 271 12.12 -11.26 -13.92
CA ASP A 271 12.79 -10.15 -14.56
C ASP A 271 12.02 -8.89 -14.14
N ILE A 272 12.42 -8.29 -13.02
CA ILE A 272 11.78 -7.12 -12.47
C ILE A 272 12.45 -5.85 -12.95
N ARG A 273 11.70 -4.90 -13.43
CA ARG A 273 12.15 -3.69 -14.06
C ARG A 273 11.43 -2.48 -13.51
N LEU A 274 12.13 -1.53 -12.95
CA LEU A 274 11.55 -0.31 -12.44
C LEU A 274 11.66 0.74 -13.51
N ASN A 275 11.09 1.92 -13.20
CA ASN A 275 11.02 3.08 -14.08
C ASN A 275 10.56 2.59 -15.45
N SER A 276 9.50 1.78 -15.38
CA SER A 276 8.94 1.07 -16.52
C SER A 276 7.42 0.97 -16.39
N ARG A 277 6.70 1.85 -17.07
CA ARG A 277 5.27 1.96 -16.93
C ARG A 277 4.54 1.37 -18.11
N VAL A 278 3.64 0.44 -17.87
CA VAL A 278 2.90 -0.19 -18.99
C VAL A 278 1.85 0.73 -19.53
N VAL A 279 1.84 1.08 -20.82
CA VAL A 279 0.86 2.11 -21.18
C VAL A 279 -0.18 1.62 -22.18
N ARG A 280 -0.11 0.33 -22.48
CA ARG A 280 -1.08 -0.18 -23.43
C ARG A 280 -0.85 -1.69 -23.50
N ILE A 281 -1.96 -2.40 -23.43
CA ILE A 281 -1.95 -3.84 -23.53
C ILE A 281 -2.15 -4.16 -25.00
N LEU A 282 -1.40 -5.15 -25.49
CA LEU A 282 -1.43 -5.38 -26.93
C LEU A 282 -2.42 -6.44 -27.32
N GLU A 283 -3.30 -5.94 -28.14
CA GLU A 283 -4.41 -6.38 -28.88
C GLU A 283 -4.13 -7.37 -30.00
N ASP A 284 -4.48 -8.63 -29.85
CA ASP A 284 -4.45 -9.51 -31.05
C ASP A 284 -5.61 -9.01 -31.89
N GLY A 287 -9.64 -10.31 -30.47
CA GLY A 287 -8.98 -9.44 -29.48
C GLY A 287 -8.40 -10.22 -28.30
N LYS A 288 -7.27 -10.86 -28.57
CA LYS A 288 -6.53 -11.60 -27.55
C LYS A 288 -5.35 -10.73 -27.09
N VAL A 289 -4.94 -10.99 -25.85
CA VAL A 289 -3.81 -10.21 -25.34
C VAL A 289 -2.55 -10.79 -25.97
N THR A 290 -1.81 -10.00 -26.73
CA THR A 290 -0.62 -10.50 -27.41
C THR A 290 0.65 -10.11 -26.64
N GLY A 291 0.63 -8.89 -26.12
CA GLY A 291 1.81 -8.39 -25.40
C GLY A 291 1.50 -7.13 -24.62
N VAL A 292 2.50 -6.22 -24.57
CA VAL A 292 2.27 -5.02 -23.74
C VAL A 292 3.14 -3.92 -24.27
N LEU A 293 2.68 -2.68 -24.20
CA LEU A 293 3.52 -1.57 -24.60
C LEU A 293 4.04 -0.92 -23.31
N VAL A 294 5.34 -0.99 -23.06
CA VAL A 294 6.16 -0.45 -22.01
C VAL A 294 6.88 0.84 -22.39
N LYS A 295 6.74 1.92 -21.65
CA LYS A 295 7.46 3.18 -21.75
C LYS A 295 8.58 3.13 -20.71
N GLY A 296 9.72 2.52 -20.97
CA GLY A 296 10.79 2.55 -19.96
C GLY A 296 11.23 4.03 -19.88
N GLU A 297 11.26 4.54 -18.64
CA GLU A 297 11.63 5.92 -18.46
C GLU A 297 12.89 6.36 -19.21
N TYR A 298 13.99 5.61 -19.14
CA TYR A 298 15.20 6.05 -19.82
C TYR A 298 15.39 5.41 -21.19
N THR A 299 15.06 4.12 -21.30
CA THR A 299 15.20 3.50 -22.60
C THR A 299 14.12 3.72 -23.64
N GLY A 300 13.07 4.50 -23.41
CA GLY A 300 12.06 4.74 -24.44
C GLY A 300 11.01 3.64 -24.44
N TYR A 301 10.12 3.62 -25.43
CA TYR A 301 9.02 2.66 -25.54
C TYR A 301 9.50 1.29 -26.05
N TYR A 302 8.64 0.29 -25.81
CA TYR A 302 9.01 -1.00 -26.34
C TYR A 302 7.97 -2.07 -26.14
N VAL A 303 7.98 -3.09 -27.02
CA VAL A 303 7.00 -4.14 -26.94
C VAL A 303 7.62 -5.38 -26.35
N ILE A 304 6.82 -6.03 -25.54
CA ILE A 304 7.11 -7.31 -24.94
C ILE A 304 5.99 -8.25 -25.40
N LYS A 305 6.28 -9.32 -26.14
CA LYS A 305 5.17 -10.21 -26.49
C LYS A 305 5.09 -11.21 -25.33
N ALA A 306 3.84 -11.50 -24.99
CA ALA A 306 3.60 -12.48 -23.95
C ALA A 306 2.25 -13.14 -24.21
N ASP A 307 1.97 -14.18 -23.43
CA ASP A 307 0.74 -14.93 -23.61
C ASP A 307 -0.27 -14.61 -22.53
N ALA A 308 0.16 -14.14 -21.38
CA ALA A 308 -0.86 -13.82 -20.35
C ALA A 308 -0.38 -12.50 -19.79
N VAL A 309 -1.29 -11.62 -19.41
CA VAL A 309 -0.90 -10.37 -18.74
C VAL A 309 -1.54 -10.34 -17.36
N VAL A 310 -0.79 -10.34 -16.24
CA VAL A 310 -1.48 -10.18 -14.96
C VAL A 310 -1.59 -8.69 -14.65
N ILE A 311 -2.76 -8.14 -14.36
CA ILE A 311 -2.85 -6.72 -14.05
C ILE A 311 -2.92 -6.62 -12.51
N ALA A 312 -1.86 -5.99 -11.96
CA ALA A 312 -1.78 -5.94 -10.50
C ALA A 312 -1.33 -4.56 -10.04
N ALA A 313 -1.82 -3.51 -10.72
CA ALA A 313 -1.42 -2.14 -10.61
C ALA A 313 -1.97 -1.42 -9.42
N GLY A 314 -2.82 -2.04 -8.62
CA GLY A 314 -3.44 -1.42 -7.46
C GLY A 314 -4.47 -0.32 -7.75
N GLY A 315 -4.91 0.44 -6.76
CA GLY A 315 -5.89 1.44 -6.83
C GLY A 315 -5.62 2.84 -7.28
N PHE A 316 -6.68 3.69 -7.19
CA PHE A 316 -6.54 5.08 -7.63
C PHE A 316 -6.69 6.09 -6.50
N ALA A 317 -6.69 5.63 -5.24
CA ALA A 317 -6.75 6.66 -4.17
C ALA A 317 -5.59 7.55 -4.45
N LYS A 318 -5.35 8.77 -4.18
CA LYS A 318 -4.08 9.39 -4.60
C LYS A 318 -4.36 10.21 -5.87
N ASN A 319 -5.20 9.71 -6.73
CA ASN A 319 -5.53 10.64 -7.84
C ASN A 319 -6.69 11.47 -7.34
N ASN A 320 -6.60 12.63 -6.74
CA ASN A 320 -7.77 13.36 -6.27
C ASN A 320 -8.61 13.82 -7.44
N GLU A 321 -8.13 14.19 -8.62
CA GLU A 321 -8.95 14.47 -9.77
C GLU A 321 -9.93 13.30 -9.91
N ARG A 322 -9.48 12.08 -10.09
CA ARG A 322 -10.40 10.96 -10.30
C ARG A 322 -11.30 10.67 -9.10
N VAL A 323 -10.80 10.63 -7.87
CA VAL A 323 -11.59 10.33 -6.71
C VAL A 323 -12.61 11.44 -6.51
N SER A 324 -12.18 12.69 -6.72
CA SER A 324 -13.18 13.78 -6.61
C SER A 324 -14.25 13.45 -7.67
N LYS A 325 -13.91 12.84 -8.81
CA LYS A 325 -14.85 12.51 -9.86
C LYS A 325 -16.05 11.71 -9.41
N TYR A 326 -15.98 10.79 -8.46
CA TYR A 326 -17.09 9.96 -8.03
C TYR A 326 -17.62 10.37 -6.66
N ASP A 327 -16.85 11.16 -5.97
CA ASP A 327 -17.28 11.52 -4.63
C ASP A 327 -16.61 12.80 -4.32
N PRO A 328 -17.12 13.91 -4.83
CA PRO A 328 -16.51 15.22 -4.67
C PRO A 328 -16.45 15.77 -3.27
N LYS A 329 -16.68 14.96 -2.26
CA LYS A 329 -16.52 15.25 -0.87
C LYS A 329 -15.04 15.32 -0.49
N LEU A 330 -14.27 14.42 -1.07
CA LEU A 330 -12.86 14.20 -1.06
C LEU A 330 -12.07 15.18 -1.90
N LYS A 331 -12.68 15.96 -2.82
CA LYS A 331 -11.83 16.93 -3.55
C LYS A 331 -11.03 17.65 -2.44
N GLY A 332 -9.74 17.86 -2.69
CA GLY A 332 -8.84 18.56 -1.82
C GLY A 332 -8.29 17.78 -0.65
N PHE A 333 -8.84 16.63 -0.31
CA PHE A 333 -8.39 15.74 0.70
C PHE A 333 -7.00 15.23 0.41
N LYS A 334 -6.41 14.66 1.44
CA LYS A 334 -5.05 14.13 1.35
C LYS A 334 -5.22 12.61 1.18
N ALA A 335 -4.12 11.99 0.73
CA ALA A 335 -4.17 10.53 0.54
C ALA A 335 -3.18 9.87 1.48
N THR A 336 -3.38 8.60 1.79
CA THR A 336 -2.45 7.84 2.59
C THR A 336 -1.60 6.95 1.69
N ASN A 337 -1.75 6.99 0.38
CA ASN A 337 -1.01 6.11 -0.49
C ASN A 337 0.37 6.61 -0.91
N HIS A 338 1.11 5.75 -1.61
CA HIS A 338 2.32 6.26 -2.22
C HIS A 338 2.01 7.02 -3.49
N PRO A 339 3.02 7.57 -4.18
CA PRO A 339 2.71 8.33 -5.36
C PRO A 339 2.13 7.50 -6.47
N GLY A 340 2.29 6.19 -6.54
CA GLY A 340 1.99 5.40 -7.71
C GLY A 340 0.58 5.04 -8.02
N ALA A 341 -0.27 5.00 -6.99
CA ALA A 341 -1.69 4.70 -7.12
C ALA A 341 -2.52 5.69 -7.88
N THR A 342 -2.42 5.93 -9.18
CA THR A 342 -3.28 6.96 -9.77
C THR A 342 -4.27 6.38 -10.76
N GLY A 343 -4.21 5.07 -11.01
CA GLY A 343 -5.21 4.47 -11.87
C GLY A 343 -4.81 4.00 -13.24
N ASP A 344 -3.56 4.28 -13.64
CA ASP A 344 -2.94 3.84 -14.87
C ASP A 344 -3.44 2.45 -15.23
N GLY A 345 -3.34 1.56 -14.26
CA GLY A 345 -3.78 0.19 -14.38
C GLY A 345 -5.17 0.16 -15.01
N LEU A 346 -6.18 0.61 -14.25
CA LEU A 346 -7.54 0.70 -14.74
C LEU A 346 -7.62 1.23 -16.19
N ASP A 347 -7.13 2.44 -16.45
CA ASP A 347 -7.07 2.97 -17.78
C ASP A 347 -6.53 1.95 -18.78
N VAL A 348 -5.39 1.31 -18.53
CA VAL A 348 -4.78 0.35 -19.41
C VAL A 348 -5.74 -0.77 -19.77
N ALA A 349 -6.30 -1.29 -18.68
CA ALA A 349 -7.30 -2.34 -18.75
C ALA A 349 -8.55 -1.92 -19.53
N LEU A 350 -9.08 -0.75 -19.18
CA LEU A 350 -10.27 -0.21 -19.82
C LEU A 350 -10.01 -0.15 -21.31
N GLN A 351 -8.85 0.41 -21.71
CA GLN A 351 -8.57 0.50 -23.14
C GLN A 351 -8.67 -0.89 -23.75
N ALA A 352 -8.31 -1.94 -23.05
CA ALA A 352 -8.39 -3.33 -23.39
C ALA A 352 -9.82 -3.88 -23.41
N GLY A 353 -10.75 -3.05 -22.92
CA GLY A 353 -12.15 -3.38 -22.95
C GLY A 353 -12.52 -4.19 -21.76
N ALA A 354 -11.90 -3.99 -20.62
CA ALA A 354 -12.33 -4.73 -19.42
C ALA A 354 -13.60 -4.16 -18.79
N ALA A 355 -14.24 -4.95 -17.94
CA ALA A 355 -15.40 -4.58 -17.17
C ALA A 355 -15.05 -4.08 -15.78
N THR A 356 -15.68 -3.09 -15.20
CA THR A 356 -15.32 -2.71 -13.83
C THR A 356 -16.55 -2.82 -12.96
N ARG A 357 -16.41 -2.47 -11.69
CA ARG A 357 -17.55 -2.41 -10.76
C ARG A 357 -17.13 -1.69 -9.48
N ASP A 358 -18.13 -1.25 -8.77
CA ASP A 358 -18.00 -0.43 -7.56
C ASP A 358 -16.94 0.65 -7.66
N LEU A 359 -16.83 1.36 -8.79
CA LEU A 359 -15.79 2.38 -8.92
C LEU A 359 -16.00 3.52 -7.98
N GLN A 360 -17.19 3.98 -7.76
CA GLN A 360 -17.58 4.98 -6.82
C GLN A 360 -17.45 4.64 -5.34
N TYR A 361 -17.17 3.43 -4.89
CA TYR A 361 -17.01 3.31 -3.43
C TYR A 361 -15.56 3.49 -2.95
N ILE A 362 -15.10 4.61 -2.47
CA ILE A 362 -13.79 5.09 -2.18
C ILE A 362 -13.61 5.30 -0.69
N GLN A 363 -12.75 4.45 -0.12
CA GLN A 363 -12.58 4.38 1.33
C GLN A 363 -11.59 5.38 1.87
N ALA A 364 -12.06 6.18 2.79
CA ALA A 364 -11.23 7.17 3.44
C ALA A 364 -10.87 6.54 4.80
N HIS A 365 -9.64 6.71 5.21
CA HIS A 365 -9.13 6.35 6.51
C HIS A 365 -9.34 7.59 7.41
N PRO A 366 -10.02 7.36 8.53
CA PRO A 366 -10.36 8.37 9.48
C PRO A 366 -9.24 8.95 10.34
N THR A 367 -8.13 8.23 10.48
CA THR A 367 -7.03 8.71 11.29
C THR A 367 -5.70 8.91 10.57
N TYR A 368 -5.61 9.90 9.69
CA TYR A 368 -4.37 10.23 9.00
C TYR A 368 -3.77 11.36 9.84
N SER A 369 -2.47 11.61 9.80
CA SER A 369 -2.02 12.80 10.55
C SER A 369 -1.59 13.84 9.55
N PRO A 370 -2.09 15.06 9.58
CA PRO A 370 -1.69 16.15 8.72
C PRO A 370 -0.19 16.45 8.78
N ALA A 371 0.20 16.67 10.04
CA ALA A 371 1.56 17.08 10.33
C ALA A 371 2.58 16.09 9.83
N GLY A 372 2.34 14.80 10.12
CA GLY A 372 3.24 13.77 9.68
C GLY A 372 3.10 13.28 8.26
N GLY A 373 1.98 13.51 7.60
CA GLY A 373 1.82 13.04 6.22
C GLY A 373 1.80 11.51 6.11
N VAL A 374 1.35 10.92 7.23
CA VAL A 374 1.20 9.49 7.27
C VAL A 374 -0.14 9.07 7.91
N MET A 375 -0.50 7.88 7.45
CA MET A 375 -1.65 7.23 8.06
C MET A 375 -1.28 6.98 9.51
N ILE A 376 -2.22 6.76 10.43
CA ILE A 376 -1.76 6.32 11.76
C ILE A 376 -2.67 5.12 12.04
N THR A 377 -2.11 3.94 12.17
CA THR A 377 -2.85 2.73 12.20
C THR A 377 -4.06 2.55 13.09
N GLU A 378 -5.04 1.79 12.57
CA GLU A 378 -6.28 1.47 13.26
C GLU A 378 -6.14 0.75 14.58
N ALA A 379 -4.98 0.09 14.74
CA ALA A 379 -4.57 -0.67 15.92
C ALA A 379 -4.33 0.21 17.13
N VAL A 380 -4.03 1.49 16.91
CA VAL A 380 -3.86 2.34 18.08
C VAL A 380 -5.19 2.41 18.80
N ARG A 381 -6.34 2.54 18.14
CA ARG A 381 -7.64 2.61 18.81
C ARG A 381 -8.06 1.23 19.32
N GLY A 382 -7.66 0.21 18.56
CA GLY A 382 -8.00 -1.18 18.85
C GLY A 382 -7.30 -1.65 20.11
N ASN A 383 -6.05 -1.24 20.34
CA ASN A 383 -5.43 -1.55 21.61
C ASN A 383 -5.97 -0.64 22.72
N GLY A 384 -6.97 0.23 22.64
CA GLY A 384 -7.45 1.05 23.71
C GLY A 384 -7.53 2.56 23.55
N ALA A 385 -6.94 3.17 22.52
CA ALA A 385 -7.02 4.63 22.42
C ALA A 385 -8.48 5.07 22.24
N ILE A 386 -8.87 6.27 22.64
CA ILE A 386 -10.19 6.86 22.47
C ILE A 386 -10.04 8.05 21.54
N VAL A 387 -10.99 8.70 20.89
CA VAL A 387 -10.63 9.87 20.05
C VAL A 387 -11.33 11.05 20.72
N VAL A 388 -10.82 12.25 20.60
CA VAL A 388 -11.38 13.37 21.36
C VAL A 388 -11.45 14.59 20.48
N ASN A 389 -12.59 15.28 20.48
CA ASN A 389 -12.66 16.51 19.68
C ASN A 389 -11.98 17.70 20.39
N ARG A 390 -11.95 18.82 19.67
CA ARG A 390 -11.39 20.08 20.14
C ARG A 390 -11.95 20.62 21.45
N GLU A 391 -13.10 20.12 21.91
CA GLU A 391 -13.75 20.51 23.14
C GLU A 391 -13.33 19.63 24.31
N GLY A 392 -12.60 18.57 24.05
CA GLY A 392 -12.18 17.69 25.14
C GLY A 392 -13.08 16.49 25.33
N ASN A 393 -14.01 16.21 24.43
CA ASN A 393 -14.88 15.06 24.62
C ASN A 393 -14.83 14.02 23.53
N ARG A 394 -15.46 12.89 23.84
CA ARG A 394 -15.70 11.78 22.96
C ARG A 394 -16.87 12.10 22.03
N PHE A 395 -16.96 11.40 20.91
CA PHE A 395 -18.02 11.63 19.95
C PHE A 395 -18.23 10.39 19.09
N MET A 396 -17.73 9.22 19.46
CA MET A 396 -17.88 8.13 18.51
C MET A 396 -17.38 6.85 19.09
N ASN A 397 -17.84 5.72 18.59
CA ASN A 397 -17.28 4.46 19.00
C ASN A 397 -16.13 4.28 17.98
N GLU A 398 -14.97 4.48 18.57
CA GLU A 398 -13.66 4.53 17.98
C GLU A 398 -13.34 3.28 17.20
N ILE A 399 -13.97 2.16 17.51
CA ILE A 399 -13.70 1.01 16.65
C ILE A 399 -14.89 0.78 15.73
N THR A 400 -15.61 1.80 15.25
CA THR A 400 -16.63 1.59 14.25
C THR A 400 -16.03 1.41 12.85
N THR A 401 -16.86 1.40 11.82
CA THR A 401 -16.44 1.30 10.43
C THR A 401 -15.73 2.57 10.01
N ARG A 402 -14.81 2.56 9.07
CA ARG A 402 -14.07 3.70 8.58
C ARG A 402 -14.97 4.82 8.10
N ASP A 403 -15.93 4.44 7.25
CA ASP A 403 -16.83 5.43 6.69
C ASP A 403 -17.54 6.11 7.85
N LYS A 404 -18.04 5.42 8.86
CA LYS A 404 -18.69 6.13 9.97
C LYS A 404 -17.76 7.01 10.80
N ALA A 405 -16.58 6.47 11.08
CA ALA A 405 -15.54 7.21 11.80
C ALA A 405 -15.01 8.37 10.97
N SER A 406 -14.85 8.30 9.67
CA SER A 406 -14.48 9.43 8.86
C SER A 406 -15.54 10.51 8.86
N ALA A 407 -16.78 10.07 8.81
CA ALA A 407 -17.93 10.97 8.86
C ALA A 407 -17.97 11.80 10.13
N ALA A 408 -17.87 11.16 11.28
CA ALA A 408 -17.96 11.77 12.56
C ALA A 408 -16.88 12.77 12.85
N ILE A 409 -15.64 12.49 12.46
CA ILE A 409 -14.56 13.48 12.67
C ILE A 409 -14.75 14.64 11.70
N LEU A 410 -15.33 14.26 10.54
CA LEU A 410 -15.61 15.34 9.59
C LEU A 410 -16.60 16.26 10.28
N GLN A 411 -17.66 15.72 10.90
CA GLN A 411 -18.64 16.60 11.53
C GLN A 411 -18.18 17.18 12.85
N GLN A 412 -16.91 17.48 13.12
CA GLN A 412 -16.46 18.01 14.37
C GLN A 412 -15.61 19.26 14.26
N LYS A 413 -15.68 19.96 15.39
CA LYS A 413 -15.03 21.26 15.52
C LYS A 413 -13.72 21.23 14.76
N GLY A 414 -13.60 21.99 13.68
CA GLY A 414 -12.40 22.13 12.91
C GLY A 414 -11.99 21.00 11.97
N GLU A 415 -12.90 20.07 11.76
CA GLU A 415 -12.71 18.94 10.89
C GLU A 415 -11.69 17.93 11.35
N SER A 416 -11.15 18.02 12.56
CA SER A 416 -10.11 17.07 12.92
C SER A 416 -10.36 16.62 14.35
N ALA A 417 -9.60 15.63 14.78
CA ALA A 417 -9.78 15.13 16.14
C ALA A 417 -8.51 14.56 16.74
N TYR A 418 -8.52 14.14 18.00
CA TYR A 418 -7.32 13.80 18.75
C TYR A 418 -7.30 12.36 19.27
N LEU A 419 -6.37 11.54 18.74
CA LEU A 419 -6.20 10.21 19.30
C LEU A 419 -5.61 10.52 20.70
N VAL A 420 -6.07 9.83 21.73
CA VAL A 420 -5.61 10.04 23.09
C VAL A 420 -5.39 8.67 23.74
N PHE A 421 -4.19 8.31 24.11
CA PHE A 421 -3.90 7.02 24.66
C PHE A 421 -2.93 7.17 25.82
N ASP A 422 -2.61 6.03 26.37
CA ASP A 422 -1.76 5.83 27.53
C ASP A 422 -0.34 5.32 27.41
N ASP A 423 0.39 5.18 28.52
CA ASP A 423 1.73 4.59 28.44
C ASP A 423 1.72 3.05 28.32
N SER A 424 0.53 2.62 28.73
CA SER A 424 0.09 1.27 28.57
C SER A 424 -0.34 0.97 27.13
N ILE A 425 -1.04 1.87 26.43
CA ILE A 425 -1.37 1.55 25.04
C ILE A 425 -0.09 1.62 24.20
N ARG A 426 0.71 2.66 24.43
CA ARG A 426 2.01 2.81 23.75
C ARG A 426 2.73 1.46 23.80
N LYS A 427 3.11 1.10 25.04
CA LYS A 427 3.85 -0.17 25.25
C LYS A 427 2.87 -1.22 24.81
N SER A 428 2.99 -2.21 23.95
CA SER A 428 1.84 -3.02 23.51
C SER A 428 1.56 -2.84 22.01
N LEU A 429 1.89 -1.69 21.43
CA LEU A 429 1.77 -1.60 19.98
C LEU A 429 3.00 -0.85 19.50
N LYS A 430 3.99 -1.61 19.05
CA LYS A 430 5.23 -1.00 18.59
C LYS A 430 5.14 -0.09 17.39
N ALA A 431 4.14 -0.10 16.49
CA ALA A 431 4.06 0.91 15.44
C ALA A 431 4.16 2.27 16.15
N ILE A 432 3.59 2.49 17.34
CA ILE A 432 3.71 3.74 18.07
C ILE A 432 5.10 4.26 18.30
N GLU A 433 6.21 3.52 18.24
CA GLU A 433 7.55 4.09 18.38
C GLU A 433 7.91 4.90 17.15
N GLY A 434 7.46 4.44 15.98
CA GLY A 434 7.64 5.17 14.74
C GLY A 434 6.96 6.53 14.79
N TYR A 435 5.76 6.59 15.38
CA TYR A 435 5.09 7.89 15.40
C TYR A 435 5.87 8.79 16.32
N VAL A 436 6.41 8.17 17.35
CA VAL A 436 7.21 8.89 18.32
C VAL A 436 8.48 9.37 17.67
N HIS A 437 9.02 8.50 16.84
CA HIS A 437 10.20 8.84 16.08
C HIS A 437 9.94 9.94 15.07
N LEU A 438 8.71 10.20 14.68
CA LEU A 438 8.42 11.19 13.65
C LEU A 438 8.07 12.54 14.26
N ASN A 439 8.10 12.68 15.58
CA ASN A 439 7.90 13.99 16.19
C ASN A 439 6.46 14.50 16.12
N ILE A 440 5.49 13.60 15.99
CA ILE A 440 4.10 13.93 15.76
C ILE A 440 3.17 13.62 16.91
N VAL A 441 3.73 13.08 17.97
CA VAL A 441 3.06 12.63 19.18
C VAL A 441 3.25 13.58 20.36
N LYS A 442 2.13 14.05 20.91
CA LYS A 442 2.18 14.98 22.02
C LYS A 442 2.22 14.20 23.33
N GLU A 443 3.05 14.69 24.24
CA GLU A 443 3.24 14.03 25.53
C GLU A 443 2.74 14.79 26.76
N GLY A 444 2.14 14.09 27.72
CA GLY A 444 1.67 14.70 28.94
C GLY A 444 2.02 13.83 30.12
N LYS A 445 2.64 14.31 31.20
CA LYS A 445 2.91 13.47 32.36
C LYS A 445 1.59 13.17 33.11
N THR A 446 0.57 13.94 32.77
CA THR A 446 -0.79 13.88 33.21
C THR A 446 -1.70 14.34 32.06
N ILE A 447 -2.93 13.92 32.26
CA ILE A 447 -3.92 14.42 31.29
C ILE A 447 -3.93 15.92 31.27
N GLU A 448 -3.89 16.67 32.36
CA GLU A 448 -3.86 18.12 32.33
C GLU A 448 -2.66 18.67 31.56
N GLU A 449 -1.60 17.90 31.64
CA GLU A 449 -0.38 18.23 30.91
C GLU A 449 -0.69 18.04 29.42
N LEU A 450 -1.27 16.90 29.05
CA LEU A 450 -1.60 16.59 27.66
C LEU A 450 -2.48 17.63 26.98
N ALA A 451 -3.58 17.97 27.65
CA ALA A 451 -4.47 19.01 27.20
C ALA A 451 -3.74 20.27 26.76
N LYS A 452 -2.76 20.76 27.56
CA LYS A 452 -2.12 22.04 27.22
C LYS A 452 -1.36 22.00 25.91
N GLN A 453 -0.87 20.82 25.56
CA GLN A 453 -0.09 20.66 24.34
C GLN A 453 -0.91 20.72 23.07
N ILE A 454 -2.01 20.03 23.19
CA ILE A 454 -3.09 19.77 22.30
C ILE A 454 -4.09 20.89 22.11
N ASP A 455 -4.17 21.80 23.08
CA ASP A 455 -5.11 22.91 23.09
C ASP A 455 -6.56 22.43 23.26
N VAL A 456 -6.80 21.50 24.16
CA VAL A 456 -8.10 21.01 24.56
C VAL A 456 -8.19 21.19 26.09
N PRO A 457 -9.34 21.55 26.62
CA PRO A 457 -9.56 21.83 28.03
C PRO A 457 -9.50 20.64 28.98
N ALA A 458 -8.62 20.90 29.95
CA ALA A 458 -8.18 19.96 30.95
C ALA A 458 -9.23 19.31 31.82
N ALA A 459 -10.12 20.14 32.35
CA ALA A 459 -11.15 19.47 33.15
C ALA A 459 -12.04 18.63 32.23
N GLU A 460 -12.49 19.17 31.07
CA GLU A 460 -13.29 18.36 30.18
C GLU A 460 -12.50 17.11 29.75
N LEU A 461 -11.25 17.20 29.28
CA LEU A 461 -10.60 15.97 28.82
C LEU A 461 -10.45 14.93 29.92
N ALA A 462 -10.12 15.42 31.11
CA ALA A 462 -9.95 14.58 32.28
C ALA A 462 -11.23 13.83 32.67
N LYS A 463 -12.36 14.56 32.73
CA LYS A 463 -13.70 14.03 33.00
C LYS A 463 -13.98 13.02 31.87
N THR A 464 -13.86 13.42 30.60
CA THR A 464 -13.93 12.43 29.52
C THR A 464 -13.13 11.18 29.91
N VAL A 465 -11.79 11.31 30.06
CA VAL A 465 -10.96 10.14 30.34
C VAL A 465 -11.37 9.41 31.62
N THR A 466 -11.72 10.15 32.68
CA THR A 466 -12.10 9.37 33.87
C THR A 466 -13.37 8.57 33.54
N ALA A 467 -14.35 9.32 33.01
CA ALA A 467 -15.55 8.58 32.58
C ALA A 467 -15.16 7.44 31.65
N TYR A 468 -14.39 7.63 30.57
CA TYR A 468 -14.14 6.51 29.67
C TYR A 468 -13.70 5.27 30.44
N ASN A 469 -12.78 5.52 31.38
CA ASN A 469 -12.35 4.49 32.32
C ASN A 469 -13.45 3.72 33.00
N GLY A 470 -14.46 4.42 33.51
CA GLY A 470 -15.65 3.77 34.06
C GLY A 470 -16.16 2.85 32.95
N PHE A 471 -16.62 3.36 31.81
CA PHE A 471 -17.03 2.45 30.71
C PHE A 471 -16.10 1.27 30.66
N VAL A 472 -14.78 1.44 30.70
CA VAL A 472 -13.84 0.34 30.67
C VAL A 472 -14.06 -0.73 31.73
N SER A 474 -15.44 -2.94 33.63
CA SER A 474 -16.75 -2.34 33.73
C SER A 474 -17.62 -2.41 32.48
N GLY A 475 -17.16 -3.08 31.44
CA GLY A 475 -17.74 -3.36 30.19
C GLY A 475 -18.88 -2.64 29.52
N LYS A 476 -19.11 -1.35 29.76
CA LYS A 476 -20.21 -0.68 29.08
C LYS A 476 -20.00 0.79 28.76
N ASP A 477 -19.99 1.08 27.45
CA ASP A 477 -19.77 2.42 26.92
C ASP A 477 -21.08 3.17 26.88
N ALA A 478 -21.55 3.71 28.00
CA ALA A 478 -22.84 4.42 27.99
C ALA A 478 -22.81 5.78 27.31
N GLN A 479 -22.04 5.91 26.25
CA GLN A 479 -21.78 7.11 25.51
C GLN A 479 -21.96 6.77 24.06
N PHE A 480 -21.20 5.73 23.64
CA PHE A 480 -21.11 5.42 22.22
C PHE A 480 -21.10 3.95 21.88
N GLU A 481 -21.38 3.05 22.80
CA GLU A 481 -21.45 1.63 22.49
C GLU A 481 -20.21 0.87 22.11
N ARG A 482 -19.02 1.41 22.14
CA ARG A 482 -17.81 0.70 21.73
C ARG A 482 -17.91 -0.70 22.31
N PRO A 483 -17.90 -1.75 21.49
CA PRO A 483 -18.04 -3.12 21.93
C PRO A 483 -16.87 -3.71 22.69
N ASP A 484 -15.64 -3.35 22.42
CA ASP A 484 -14.44 -3.81 23.08
C ASP A 484 -13.88 -2.69 23.91
N LEU A 485 -13.58 -2.90 25.19
CA LEU A 485 -12.87 -1.85 25.94
C LEU A 485 -11.62 -2.50 26.55
N PRO A 486 -10.53 -2.55 25.75
CA PRO A 486 -9.33 -3.29 26.05
C PRO A 486 -8.47 -2.90 27.21
N ARG A 487 -8.24 -1.62 27.37
CA ARG A 487 -7.38 -1.12 28.42
C ARG A 487 -7.96 0.17 29.00
N GLU A 488 -7.60 0.39 30.23
CA GLU A 488 -8.11 1.50 30.99
C GLU A 488 -7.61 2.90 30.79
N LEU A 489 -6.40 3.24 30.42
CA LEU A 489 -6.08 4.64 30.15
C LEU A 489 -5.90 5.37 31.47
N VAL A 490 -4.84 5.02 32.16
CA VAL A 490 -4.52 5.46 33.50
C VAL A 490 -3.08 5.31 34.00
N VAL A 491 -2.11 4.83 33.24
CA VAL A 491 -0.71 4.69 33.48
C VAL A 491 0.04 5.73 32.65
N ALA A 492 0.53 6.76 33.34
CA ALA A 492 1.29 7.86 32.74
C ALA A 492 2.64 7.60 32.15
N PRO A 493 3.27 8.37 31.31
CA PRO A 493 2.75 9.52 30.61
C PRO A 493 1.64 9.07 29.65
N PHE A 494 0.83 10.04 29.29
CA PHE A 494 -0.30 10.04 28.41
C PHE A 494 0.00 10.81 27.14
N TYR A 495 -0.35 10.28 25.99
CA TYR A 495 -0.11 10.87 24.69
C TYR A 495 -1.36 11.19 23.87
N ALA A 496 -1.13 11.89 22.78
CA ALA A 496 -2.17 12.29 21.84
C ALA A 496 -1.51 12.77 20.53
N LEU A 497 -2.33 12.64 19.47
CA LEU A 497 -2.01 13.03 18.14
C LEU A 497 -3.27 13.63 17.52
N GLU A 498 -3.25 14.68 16.71
CA GLU A 498 -4.47 15.10 16.02
C GLU A 498 -4.45 14.24 14.74
N ILE A 499 -5.64 13.84 14.31
CA ILE A 499 -5.76 13.06 13.10
C ILE A 499 -6.99 13.45 12.28
N ALA A 500 -6.95 13.19 10.99
CA ALA A 500 -8.18 13.50 10.22
C ALA A 500 -8.26 12.50 9.08
N PRO A 501 -9.37 12.45 8.34
CA PRO A 501 -9.65 11.44 7.34
C PRO A 501 -8.93 11.69 6.04
N ALA A 502 -8.47 10.61 5.41
CA ALA A 502 -7.71 10.79 4.19
C ALA A 502 -8.09 9.67 3.22
N VAL A 503 -8.21 10.05 1.95
CA VAL A 503 -8.55 9.09 0.94
C VAL A 503 -7.61 7.93 1.12
N HIS A 504 -8.02 6.71 1.12
CA HIS A 504 -7.11 5.60 1.31
C HIS A 504 -7.09 4.37 0.43
N HIS A 505 -8.24 3.80 0.09
CA HIS A 505 -8.39 2.58 -0.69
C HIS A 505 -9.52 2.77 -1.69
N THR A 506 -9.43 2.15 -2.87
CA THR A 506 -10.55 2.24 -3.84
C THR A 506 -11.07 0.79 -3.93
N MET A 507 -12.18 0.46 -3.25
CA MET A 507 -12.71 -0.89 -3.23
C MET A 507 -13.17 -1.49 -4.56
N GLY A 508 -13.52 -0.66 -5.52
CA GLY A 508 -13.93 -1.04 -6.84
C GLY A 508 -12.79 -1.39 -7.77
N GLY A 509 -13.10 -1.69 -9.02
CA GLY A 509 -12.10 -2.06 -9.97
C GLY A 509 -12.60 -3.08 -10.96
N LEU A 510 -11.68 -3.56 -11.77
CA LEU A 510 -11.88 -4.51 -12.83
C LEU A 510 -12.70 -5.64 -12.21
N VAL A 511 -13.47 -6.27 -13.11
CA VAL A 511 -14.32 -7.39 -12.68
C VAL A 511 -13.52 -8.65 -12.99
N ILE A 512 -13.44 -9.58 -12.02
CA ILE A 512 -12.72 -10.81 -12.16
C ILE A 512 -13.46 -11.94 -11.44
N ASP A 513 -13.16 -13.17 -11.84
CA ASP A 513 -13.69 -14.35 -11.17
C ASP A 513 -12.74 -14.79 -10.06
N THR A 514 -12.99 -15.97 -9.51
CA THR A 514 -12.18 -16.67 -8.55
C THR A 514 -10.89 -17.23 -9.14
N LYS A 515 -10.76 -17.24 -10.46
CA LYS A 515 -9.51 -17.65 -11.08
C LYS A 515 -8.62 -16.43 -11.44
N ALA A 516 -9.11 -15.24 -11.13
CA ALA A 516 -8.50 -13.98 -11.45
C ALA A 516 -8.70 -13.61 -12.91
N GLU A 517 -9.68 -14.15 -13.63
CA GLU A 517 -9.83 -13.72 -15.03
C GLU A 517 -10.55 -12.37 -15.17
N VAL A 518 -10.17 -11.52 -16.11
CA VAL A 518 -10.89 -10.27 -16.32
C VAL A 518 -11.94 -10.40 -17.41
N LYS A 519 -13.15 -9.95 -17.09
CA LYS A 519 -14.30 -10.01 -18.00
C LYS A 519 -14.46 -8.77 -18.85
N SER A 520 -14.86 -8.97 -20.13
CA SER A 520 -14.98 -7.89 -21.09
C SER A 520 -16.23 -7.09 -20.85
N GLU A 521 -16.30 -5.77 -20.94
CA GLU A 521 -17.59 -5.10 -20.79
C GLU A 521 -18.54 -5.66 -21.85
N LYS A 522 -18.16 -5.65 -23.12
CA LYS A 522 -18.99 -6.09 -24.22
C LYS A 522 -19.25 -7.58 -24.08
N THR A 523 -18.37 -8.45 -24.56
CA THR A 523 -18.61 -9.87 -24.28
C THR A 523 -18.54 -9.99 -22.77
N ALA A 524 -19.53 -10.37 -22.00
CA ALA A 524 -19.50 -10.53 -20.55
C ALA A 524 -18.78 -11.77 -20.03
N LYS A 525 -17.85 -12.25 -20.81
CA LYS A 525 -16.94 -13.33 -20.56
C LYS A 525 -15.53 -12.72 -20.46
N PRO A 526 -14.56 -13.53 -20.05
CA PRO A 526 -13.19 -13.12 -19.90
C PRO A 526 -12.53 -12.68 -21.21
N ILE A 527 -11.75 -11.58 -21.14
CA ILE A 527 -11.02 -11.22 -22.38
C ILE A 527 -9.86 -12.22 -22.31
N THR A 528 -9.45 -12.86 -23.38
CA THR A 528 -8.48 -13.95 -23.23
C THR A 528 -7.06 -13.61 -22.84
N GLY A 529 -6.65 -14.41 -21.84
CA GLY A 529 -5.35 -14.34 -21.20
C GLY A 529 -5.14 -12.94 -20.64
N LEU A 530 -6.13 -12.36 -19.99
CA LEU A 530 -6.08 -11.09 -19.31
C LEU A 530 -6.43 -11.32 -17.82
N TYR A 531 -5.39 -11.28 -16.98
CA TYR A 531 -5.57 -11.54 -15.57
C TYR A 531 -5.45 -10.29 -14.72
N ALA A 532 -5.90 -10.39 -13.49
CA ALA A 532 -5.90 -9.28 -12.55
C ALA A 532 -6.01 -9.77 -11.11
N ALA A 533 -5.56 -8.94 -10.18
CA ALA A 533 -5.59 -9.24 -8.77
C ALA A 533 -5.12 -8.06 -7.95
N GLY A 534 -5.69 -7.87 -6.77
CA GLY A 534 -5.29 -6.78 -5.89
C GLY A 534 -6.27 -5.64 -5.75
N GLU A 535 -5.82 -4.45 -5.32
CA GLU A 535 -6.72 -3.29 -5.21
C GLU A 535 -7.25 -2.89 -6.57
N VAL A 536 -6.62 -3.23 -7.71
CA VAL A 536 -7.11 -2.81 -9.00
C VAL A 536 -8.45 -3.49 -9.27
N THR A 537 -8.75 -4.60 -8.57
CA THR A 537 -9.96 -5.33 -8.86
C THR A 537 -11.13 -4.94 -7.95
N GLY A 538 -12.29 -5.26 -8.54
CA GLY A 538 -13.58 -4.99 -7.98
C GLY A 538 -14.35 -6.18 -7.50
N GLY A 539 -15.23 -5.96 -6.53
CA GLY A 539 -16.03 -7.02 -5.98
C GLY A 539 -15.46 -7.63 -4.73
N VAL A 540 -14.18 -7.77 -4.47
CA VAL A 540 -13.83 -8.47 -3.24
C VAL A 540 -14.40 -7.73 -2.06
N HIS A 541 -14.28 -6.42 -1.96
CA HIS A 541 -14.73 -5.74 -0.76
C HIS A 541 -16.13 -5.16 -0.80
N GLY A 542 -16.98 -5.44 -1.80
CA GLY A 542 -18.26 -4.73 -1.71
C GLY A 542 -18.06 -3.21 -1.68
N ALA A 543 -18.84 -2.55 -0.84
CA ALA A 543 -18.97 -1.11 -0.73
C ALA A 543 -18.09 -0.57 0.37
N ASN A 544 -17.61 -1.48 1.21
CA ASN A 544 -16.71 -1.12 2.29
C ASN A 544 -15.64 -2.17 2.59
N ARG A 545 -14.35 -1.80 2.57
CA ARG A 545 -13.37 -2.87 2.88
C ARG A 545 -13.05 -2.94 4.38
N LEU A 546 -13.05 -4.15 4.89
CA LEU A 546 -12.72 -4.45 6.26
C LEU A 546 -11.24 -4.23 6.55
N GLY A 547 -10.87 -3.66 7.70
CA GLY A 547 -9.40 -3.58 7.93
C GLY A 547 -8.79 -4.98 7.86
N GLY A 548 -7.72 -5.18 7.10
CA GLY A 548 -7.00 -6.46 7.13
C GLY A 548 -7.29 -7.34 5.95
N ASN A 549 -8.24 -6.93 5.14
CA ASN A 549 -8.70 -7.69 3.97
C ASN A 549 -7.94 -7.38 2.69
N ALA A 550 -7.34 -6.19 2.52
CA ALA A 550 -6.49 -5.87 1.40
C ALA A 550 -5.31 -6.86 1.23
N ILE A 551 -4.49 -7.07 2.28
CA ILE A 551 -3.30 -7.91 2.18
C ILE A 551 -3.54 -9.39 1.90
N SER A 552 -4.66 -9.88 2.42
CA SER A 552 -5.07 -11.27 2.25
C SER A 552 -5.73 -11.40 0.87
N ASP A 553 -6.50 -10.36 0.46
CA ASP A 553 -7.00 -10.38 -0.93
C ASP A 553 -5.78 -10.39 -1.87
N ILE A 554 -4.78 -9.51 -1.64
CA ILE A 554 -3.67 -9.39 -2.56
C ILE A 554 -2.92 -10.70 -2.63
N VAL A 555 -2.58 -11.29 -1.48
CA VAL A 555 -1.76 -12.51 -1.56
C VAL A 555 -2.50 -13.65 -2.21
N THR A 556 -3.57 -14.11 -1.60
CA THR A 556 -4.39 -15.15 -2.24
C THR A 556 -4.78 -14.87 -3.68
N TYR A 557 -5.30 -13.67 -4.06
CA TYR A 557 -5.53 -13.47 -5.49
C TYR A 557 -4.28 -13.41 -6.36
N GLY A 558 -3.14 -12.97 -5.82
CA GLY A 558 -1.96 -12.87 -6.70
C GLY A 558 -1.63 -14.29 -7.17
N ARG A 559 -1.47 -15.08 -6.11
CA ARG A 559 -1.14 -16.50 -6.31
C ARG A 559 -2.08 -16.99 -7.40
N ILE A 560 -3.41 -16.96 -7.16
CA ILE A 560 -4.25 -17.39 -8.28
C ILE A 560 -3.90 -16.68 -9.58
N ALA A 561 -3.92 -15.33 -9.63
CA ALA A 561 -3.57 -14.71 -10.92
C ALA A 561 -2.32 -15.30 -11.53
N GLY A 562 -1.25 -15.55 -10.79
CA GLY A 562 0.01 -16.03 -11.35
C GLY A 562 -0.14 -17.39 -12.02
N ALA A 563 -0.58 -18.32 -11.17
CA ALA A 563 -0.87 -19.69 -11.58
C ALA A 563 -1.79 -19.77 -12.79
N SER A 564 -2.93 -19.07 -12.83
CA SER A 564 -3.82 -19.06 -13.97
C SER A 564 -3.09 -18.71 -15.25
N ALA A 565 -2.31 -17.65 -15.18
CA ALA A 565 -1.57 -17.09 -16.29
C ALA A 565 -0.50 -18.07 -16.72
N ALA A 566 -0.01 -18.90 -15.82
CA ALA A 566 1.05 -19.86 -16.15
C ALA A 566 0.50 -21.02 -16.96
N LYS A 567 -0.66 -21.53 -16.52
CA LYS A 567 -1.34 -22.59 -17.26
C LYS A 567 -1.65 -22.04 -18.65
N PHE A 568 -2.12 -20.81 -18.74
CA PHE A 568 -2.27 -20.14 -20.04
C PHE A 568 -0.86 -19.99 -20.57
N ALA A 569 -0.63 -20.08 -21.88
CA ALA A 569 0.75 -20.14 -22.41
C ALA A 569 1.14 -21.62 -22.25
N LYS A 570 1.33 -22.24 -21.09
CA LYS A 570 1.56 -23.68 -21.08
C LYS A 570 0.53 -24.36 -22.00
#